data_8A0W
#
_entry.id   8A0W
#
_cell.length_a   94.030
_cell.length_b   94.030
_cell.length_c   123.720
_cell.angle_alpha   90.000
_cell.angle_beta   90.000
_cell.angle_gamma   120.000
#
_symmetry.space_group_name_H-M   'P 32 2 1'
#
loop_
_entity.id
_entity.type
_entity.pdbx_description
1 polymer 'Antitoxin HigA-2'
2 polymer 'DNA (17-MER)'
3 polymer 'DNA (17-MER)'
4 non-polymer 'PHOSPHATE ION'
5 water water
#
loop_
_entity_poly.entity_id
_entity_poly.type
_entity_poly.pdbx_seq_one_letter_code
_entity_poly.pdbx_strand_id
1 'polypeptide(L)'
;SNRDLFAELSSALVEAKQHSEGKLTLKTHHVNDVGELNISPDEIVSIREQFNMSRGVFARLLHTSSRTLENWEQGRSVPN
GQAVTLLKLVQRHPETLSHIAEL
;
A,B
2 'polydeoxyribonucleotide' (DG)(DT)(DA)(DC)(DG)(DC)(DT)(DT)(DG)(DG)(DT)(DG)(DC)(DG)(DT)(DA)(DC) C
3 'polydeoxyribonucleotide' (DG)(DT)(DA)(DC)(DG)(DC)(DA)(DC)(DC)(DA)(DA)(DG)(DC)(DG)(DT)(DA)(DC) D
#
# COMPACT_ATOMS: atom_id res chain seq x y z
N GLU A 36 13.49 5.59 -1.72
CA GLU A 36 14.01 4.22 -1.85
C GLU A 36 13.69 3.39 -0.60
N LEU A 37 12.40 3.27 -0.26
CA LEU A 37 12.03 2.54 0.94
C LEU A 37 12.22 1.04 0.75
N ASN A 38 12.72 0.40 1.80
CA ASN A 38 12.80 -1.05 1.85
C ASN A 38 12.53 -1.47 3.30
N ILE A 39 12.38 -2.77 3.50
CA ILE A 39 12.00 -3.32 4.79
C ILE A 39 12.44 -4.78 4.85
N SER A 40 13.06 -5.16 5.95
CA SER A 40 13.58 -6.51 6.12
C SER A 40 12.52 -7.45 6.69
N PRO A 41 12.70 -8.76 6.51
CA PRO A 41 11.77 -9.72 7.13
C PRO A 41 11.60 -9.53 8.63
N ASP A 42 12.70 -9.29 9.34
CA ASP A 42 12.60 -9.09 10.80
C ASP A 42 11.84 -7.82 11.15
N GLU A 43 11.99 -6.76 10.35
CA GLU A 43 11.24 -5.53 10.62
C GLU A 43 9.74 -5.75 10.43
N ILE A 44 9.36 -6.52 9.40
CA ILE A 44 7.95 -6.81 9.18
C ILE A 44 7.34 -7.51 10.38
N VAL A 45 8.00 -8.58 10.85
CA VAL A 45 7.55 -9.26 12.06
C VAL A 45 7.47 -8.30 13.23
N SER A 46 8.51 -7.48 13.42
CA SER A 46 8.52 -6.63 14.61
C SER A 46 7.37 -5.61 14.61
N ILE A 47 6.91 -5.19 13.43
CA ILE A 47 5.76 -4.29 13.38
C ILE A 47 4.55 -4.90 14.07
N ARG A 48 4.16 -6.09 13.65
CA ARG A 48 2.94 -6.66 14.19
C ARG A 48 3.15 -7.19 15.61
N GLU A 49 4.37 -7.51 15.98
CA GLU A 49 4.60 -7.91 17.36
C GLU A 49 4.52 -6.71 18.30
N GLN A 50 4.85 -5.50 17.81
CA GLN A 50 4.57 -4.29 18.58
C GLN A 50 3.08 -4.15 18.87
N PHE A 51 2.24 -4.55 17.92
CA PHE A 51 0.80 -4.45 18.09
C PHE A 51 0.22 -5.65 18.82
N ASN A 52 1.02 -6.67 19.14
CA ASN A 52 0.53 -7.90 19.75
C ASN A 52 -0.51 -8.57 18.85
N MET A 53 -0.17 -8.68 17.56
CA MET A 53 -1.04 -9.30 16.57
C MET A 53 -0.38 -10.50 15.93
N SER A 54 -1.13 -11.59 15.83
CA SER A 54 -0.68 -12.76 15.10
C SER A 54 -0.49 -12.43 13.62
N ARG A 55 0.17 -13.35 12.92
CA ARG A 55 0.30 -13.20 11.47
C ARG A 55 -1.07 -13.14 10.80
N GLY A 56 -1.97 -14.05 11.16
CA GLY A 56 -3.29 -14.04 10.55
C GLY A 56 -4.07 -12.78 10.84
N VAL A 57 -4.08 -12.32 12.10
CA VAL A 57 -4.80 -11.10 12.43
C VAL A 57 -4.23 -9.91 11.65
N PHE A 58 -2.91 -9.79 11.64
CA PHE A 58 -2.28 -8.64 10.98
C PHE A 58 -2.57 -8.63 9.48
N ALA A 59 -2.41 -9.80 8.84
CA ALA A 59 -2.66 -9.88 7.41
C ALA A 59 -4.10 -9.49 7.09
N ARG A 60 -5.08 -10.03 7.84
CA ARG A 60 -6.46 -9.68 7.59
C ARG A 60 -6.66 -8.17 7.73
N LEU A 61 -6.15 -7.57 8.80
CA LEU A 61 -6.33 -6.13 8.98
C LEU A 61 -5.58 -5.31 7.96
N LEU A 62 -4.60 -5.90 7.29
CA LEU A 62 -3.89 -5.24 6.21
C LEU A 62 -4.48 -5.56 4.84
N HIS A 63 -5.62 -6.24 4.78
CA HIS A 63 -6.21 -6.67 3.51
C HIS A 63 -5.16 -7.35 2.63
N THR A 64 -4.40 -8.24 3.25
CA THR A 64 -3.30 -8.96 2.65
C THR A 64 -3.48 -10.45 2.90
N SER A 65 -3.10 -11.27 1.91
CA SER A 65 -3.13 -12.71 2.09
C SER A 65 -2.14 -13.11 3.18
N SER A 66 -2.58 -13.96 4.11
CA SER A 66 -1.66 -14.39 5.17
C SER A 66 -0.55 -15.25 4.60
N ARG A 67 -0.81 -15.95 3.48
CA ARG A 67 0.25 -16.74 2.84
C ARG A 67 1.29 -15.83 2.21
N THR A 68 0.85 -14.69 1.67
CA THR A 68 1.80 -13.73 1.11
C THR A 68 2.62 -13.09 2.23
N LEU A 69 1.96 -12.78 3.35
CA LEU A 69 2.68 -12.20 4.48
C LEU A 69 3.71 -13.18 5.01
N GLU A 70 3.36 -14.46 5.02
CA GLU A 70 4.29 -15.53 5.35
C GLU A 70 5.52 -15.47 4.46
N ASN A 71 5.32 -15.29 3.15
CA ASN A 71 6.45 -15.14 2.22
C ASN A 71 7.38 -14.01 2.65
N TRP A 72 6.81 -12.87 3.03
CA TRP A 72 7.63 -11.70 3.37
C TRP A 72 8.40 -11.93 4.65
N GLU A 73 7.75 -12.52 5.67
CA GLU A 73 8.39 -12.67 6.96
C GLU A 73 9.42 -13.77 6.94
N GLN A 74 9.24 -14.78 6.08
CA GLN A 74 10.24 -15.84 5.94
C GLN A 74 11.40 -15.42 5.06
N GLY A 75 11.24 -14.32 4.33
CA GLY A 75 12.22 -13.89 3.36
C GLY A 75 12.22 -14.63 2.04
N ARG A 76 11.10 -15.28 1.66
N ARG A 76 11.10 -15.28 1.67
CA ARG A 76 11.07 -15.99 0.38
CA ARG A 76 11.04 -15.99 0.39
C ARG A 76 10.89 -15.05 -0.80
C ARG A 76 10.94 -15.02 -0.78
N SER A 77 10.33 -13.86 -0.58
CA SER A 77 10.28 -12.86 -1.64
C SER A 77 10.29 -11.47 -1.01
N VAL A 78 10.58 -10.48 -1.85
CA VAL A 78 10.58 -9.07 -1.46
C VAL A 78 9.15 -8.56 -1.64
N PRO A 79 8.57 -7.85 -0.67
CA PRO A 79 7.25 -7.27 -0.90
C PRO A 79 7.29 -6.23 -2.02
N ASN A 80 6.14 -6.06 -2.67
CA ASN A 80 6.06 -5.06 -3.71
C ASN A 80 6.17 -3.65 -3.10
N GLY A 81 6.37 -2.65 -3.97
CA GLY A 81 6.65 -1.30 -3.49
C GLY A 81 5.52 -0.73 -2.64
N GLN A 82 4.28 -0.93 -3.07
CA GLN A 82 3.17 -0.38 -2.30
C GLN A 82 2.99 -1.12 -0.98
N ALA A 83 3.34 -2.40 -0.93
CA ALA A 83 3.28 -3.13 0.32
C ALA A 83 4.30 -2.59 1.31
N VAL A 84 5.50 -2.24 0.82
CA VAL A 84 6.51 -1.63 1.69
C VAL A 84 5.99 -0.29 2.23
N THR A 85 5.47 0.57 1.35
CA THR A 85 4.88 1.83 1.77
C THR A 85 3.78 1.61 2.81
N LEU A 86 2.89 0.66 2.58
CA LEU A 86 1.77 0.39 3.50
C LEU A 86 2.28 -0.06 4.88
N LEU A 87 3.21 -1.01 4.90
CA LEU A 87 3.77 -1.47 6.16
C LEU A 87 4.40 -0.31 6.94
N LYS A 88 5.18 0.54 6.25
CA LYS A 88 5.84 1.63 6.95
C LYS A 88 4.85 2.70 7.40
N LEU A 89 3.78 2.88 6.62
CA LEU A 89 2.71 3.79 7.02
C LEU A 89 2.03 3.31 8.31
N VAL A 90 1.66 2.02 8.35
CA VAL A 90 1.01 1.44 9.51
C VAL A 90 1.93 1.52 10.73
N GLN A 91 3.22 1.27 10.52
CA GLN A 91 4.17 1.34 11.63
C GLN A 91 4.23 2.75 12.21
N ARG A 92 4.27 3.76 11.34
CA ARG A 92 4.34 5.15 11.81
C ARG A 92 2.98 5.63 12.32
N HIS A 93 1.90 5.23 11.67
CA HIS A 93 0.55 5.65 12.02
C HIS A 93 -0.34 4.42 12.22
N PRO A 94 -0.28 3.81 13.39
CA PRO A 94 -1.05 2.56 13.58
C PRO A 94 -2.55 2.73 13.40
N GLU A 95 -3.10 3.94 13.56
CA GLU A 95 -4.52 4.16 13.26
C GLU A 95 -4.84 3.85 11.81
N THR A 96 -3.82 3.80 10.93
CA THR A 96 -4.05 3.41 9.54
C THR A 96 -4.84 2.11 9.45
N LEU A 97 -4.58 1.16 10.35
CA LEU A 97 -5.35 -0.08 10.34
C LEU A 97 -6.85 0.19 10.47
N SER A 98 -7.23 1.17 11.32
CA SER A 98 -8.63 1.58 11.40
C SER A 98 -9.10 2.21 10.09
N HIS A 99 -8.28 3.05 9.47
CA HIS A 99 -8.71 3.67 8.21
C HIS A 99 -8.94 2.60 7.15
N ILE A 100 -8.11 1.55 7.14
CA ILE A 100 -8.28 0.49 6.16
C ILE A 100 -9.61 -0.20 6.38
N ALA A 101 -9.94 -0.51 7.65
CA ALA A 101 -11.23 -1.12 7.98
C ALA A 101 -12.40 -0.26 7.55
N GLU A 102 -12.21 1.05 7.48
CA GLU A 102 -13.28 1.96 7.07
C GLU A 102 -13.45 2.03 5.55
N LEU A 103 -12.51 1.53 4.77
CA LEU A 103 -12.71 1.45 3.32
C LEU A 103 -13.81 0.45 3.03
N GLU B 36 -13.25 -8.19 -1.03
CA GLU B 36 -11.99 -7.73 -1.62
C GLU B 36 -12.16 -6.36 -2.30
N LEU B 37 -11.31 -5.40 -1.93
CA LEU B 37 -11.36 -4.08 -2.53
C LEU B 37 -10.99 -4.14 -4.01
N ASN B 38 -11.72 -3.41 -4.83
CA ASN B 38 -11.44 -3.26 -6.26
C ASN B 38 -11.36 -1.79 -6.59
N ILE B 39 -10.68 -1.47 -7.70
CA ILE B 39 -10.61 -0.10 -8.18
C ILE B 39 -10.49 -0.13 -9.70
N SER B 40 -11.32 0.66 -10.35
CA SER B 40 -11.28 0.68 -11.80
C SER B 40 -10.21 1.66 -12.29
N PRO B 41 -9.75 1.49 -13.53
CA PRO B 41 -8.77 2.45 -14.09
C PRO B 41 -9.25 3.89 -14.04
N ASP B 42 -10.51 4.15 -14.40
CA ASP B 42 -11.02 5.51 -14.32
C ASP B 42 -11.02 6.02 -12.89
N GLU B 43 -11.30 5.15 -11.93
CA GLU B 43 -11.25 5.53 -10.52
C GLU B 43 -9.84 5.97 -10.13
N ILE B 44 -8.82 5.26 -10.60
CA ILE B 44 -7.45 5.60 -10.26
C ILE B 44 -7.10 6.99 -10.78
N VAL B 45 -7.44 7.25 -12.05
CA VAL B 45 -7.17 8.56 -12.66
C VAL B 45 -7.85 9.67 -11.88
N SER B 46 -9.10 9.46 -11.46
CA SER B 46 -9.82 10.54 -10.81
C SER B 46 -9.26 10.83 -9.42
N ILE B 47 -8.73 9.81 -8.74
CA ILE B 47 -8.02 10.09 -7.48
C ILE B 47 -6.93 11.11 -7.73
N ARG B 48 -6.10 10.85 -8.73
CA ARG B 48 -4.98 11.72 -9.03
C ARG B 48 -5.45 13.09 -9.52
N GLU B 49 -6.47 13.11 -10.38
CA GLU B 49 -6.95 14.38 -10.91
C GLU B 49 -7.61 15.23 -9.84
N GLN B 50 -8.03 14.63 -8.73
CA GLN B 50 -8.48 15.40 -7.58
C GLN B 50 -7.38 16.33 -7.09
N PHE B 51 -6.14 15.82 -7.00
CA PHE B 51 -5.00 16.62 -6.58
C PHE B 51 -4.45 17.52 -7.68
N ASN B 52 -4.96 17.39 -8.90
CA ASN B 52 -4.44 18.13 -10.06
C ASN B 52 -2.95 17.83 -10.27
N MET B 53 -2.62 16.54 -10.29
CA MET B 53 -1.25 16.10 -10.44
C MET B 53 -1.10 15.27 -11.71
N SER B 54 0.03 15.47 -12.38
CA SER B 54 0.39 14.63 -13.51
C SER B 54 0.65 13.21 -13.03
N ARG B 55 0.67 12.29 -14.00
CA ARG B 55 1.01 10.91 -13.67
C ARG B 55 2.38 10.82 -13.00
N GLY B 56 3.37 11.58 -13.48
CA GLY B 56 4.69 11.52 -12.88
C GLY B 56 4.74 12.02 -11.44
N VAL B 57 4.05 13.14 -11.17
CA VAL B 57 4.08 13.71 -9.83
C VAL B 57 3.41 12.77 -8.84
N PHE B 58 2.23 12.26 -9.22
CA PHE B 58 1.47 11.42 -8.31
C PHE B 58 2.21 10.12 -8.01
N ALA B 59 2.79 9.50 -9.04
CA ALA B 59 3.56 8.28 -8.82
C ALA B 59 4.71 8.54 -7.86
N ARG B 60 5.39 9.68 -8.01
CA ARG B 60 6.50 10.00 -7.14
C ARG B 60 6.05 10.09 -5.69
N LEU B 61 4.97 10.83 -5.42
CA LEU B 61 4.53 11.01 -4.04
C LEU B 61 3.98 9.72 -3.46
N LEU B 62 3.57 8.80 -4.30
CA LEU B 62 3.09 7.48 -3.89
C LEU B 62 4.20 6.43 -3.93
N HIS B 63 5.44 6.83 -4.18
CA HIS B 63 6.58 5.90 -4.21
C HIS B 63 6.31 4.73 -5.18
N THR B 64 5.76 5.08 -6.34
CA THR B 64 5.34 4.12 -7.34
C THR B 64 5.97 4.46 -8.69
N SER B 65 6.39 3.43 -9.43
CA SER B 65 6.90 3.64 -10.77
C SER B 65 5.84 4.31 -11.64
N SER B 66 6.23 5.36 -12.37
CA SER B 66 5.24 6.01 -13.22
C SER B 66 4.80 5.09 -14.36
N ARG B 67 5.68 4.19 -14.82
CA ARG B 67 5.29 3.23 -15.85
C ARG B 67 4.30 2.20 -15.30
N THR B 68 4.48 1.77 -14.06
CA THR B 68 3.51 0.87 -13.45
C THR B 68 2.15 1.55 -13.31
N LEU B 69 2.15 2.81 -12.88
CA LEU B 69 0.89 3.55 -12.79
C LEU B 69 0.24 3.65 -14.16
N GLU B 70 1.04 3.82 -15.20
CA GLU B 70 0.53 3.81 -16.56
C GLU B 70 -0.20 2.50 -16.86
N ASN B 71 0.36 1.38 -16.42
CA ASN B 71 -0.32 0.09 -16.57
C ASN B 71 -1.69 0.11 -15.91
N TRP B 72 -1.76 0.68 -14.70
CA TRP B 72 -3.03 0.63 -13.96
C TRP B 72 -4.06 1.53 -14.63
N GLU B 73 -3.66 2.73 -15.01
CA GLU B 73 -4.62 3.68 -15.55
C GLU B 73 -5.08 3.28 -16.95
N GLN B 74 -4.27 2.52 -17.67
CA GLN B 74 -4.66 2.01 -18.98
C GLN B 74 -5.47 0.73 -18.89
N GLY B 75 -5.53 0.11 -17.72
CA GLY B 75 -6.20 -1.17 -17.59
C GLY B 75 -5.42 -2.36 -18.10
N ARG B 76 -4.11 -2.21 -18.33
N ARG B 76 -4.11 -2.25 -18.28
CA ARG B 76 -3.28 -3.34 -18.71
CA ARG B 76 -3.36 -3.41 -18.75
C ARG B 76 -3.25 -4.41 -17.62
C ARG B 76 -2.98 -4.39 -17.64
N SER B 77 -3.06 -3.97 -16.38
CA SER B 77 -2.89 -4.87 -15.25
C SER B 77 -3.79 -4.41 -14.12
N VAL B 78 -4.11 -5.35 -13.24
CA VAL B 78 -4.77 -5.05 -11.97
C VAL B 78 -3.71 -4.68 -10.95
N PRO B 79 -3.82 -3.54 -10.29
CA PRO B 79 -2.86 -3.22 -9.22
C PRO B 79 -2.90 -4.28 -8.13
N ASN B 80 -1.74 -4.53 -7.51
CA ASN B 80 -1.70 -5.49 -6.42
C ASN B 80 -2.56 -5.02 -5.24
N GLY B 81 -2.84 -5.96 -4.32
CA GLY B 81 -3.78 -5.70 -3.24
C GLY B 81 -3.37 -4.51 -2.39
N GLN B 82 -2.08 -4.42 -2.05
CA GLN B 82 -1.64 -3.31 -1.22
C GLN B 82 -1.68 -1.99 -1.98
N ALA B 83 -1.41 -2.01 -3.29
CA ALA B 83 -1.61 -0.81 -4.09
C ALA B 83 -3.06 -0.35 -4.04
N VAL B 84 -4.00 -1.29 -4.17
CA VAL B 84 -5.41 -0.91 -4.10
C VAL B 84 -5.73 -0.26 -2.77
N THR B 85 -5.26 -0.86 -1.68
CA THR B 85 -5.49 -0.29 -0.35
C THR B 85 -4.93 1.12 -0.25
N LEU B 86 -3.69 1.30 -0.73
CA LEU B 86 -3.04 2.61 -0.68
C LEU B 86 -3.83 3.66 -1.46
N LEU B 87 -4.21 3.32 -2.69
CA LEU B 87 -5.00 4.26 -3.49
C LEU B 87 -6.30 4.62 -2.78
N LYS B 88 -6.99 3.64 -2.19
CA LYS B 88 -8.27 3.93 -1.54
C LYS B 88 -8.06 4.75 -0.27
N LEU B 89 -6.98 4.51 0.47
CA LEU B 89 -6.68 5.37 1.62
C LEU B 89 -6.50 6.81 1.18
N VAL B 90 -5.74 7.01 0.11
CA VAL B 90 -5.49 8.36 -0.39
C VAL B 90 -6.78 8.99 -0.88
N GLN B 91 -7.61 8.21 -1.57
CA GLN B 91 -8.89 8.71 -2.03
C GLN B 91 -9.75 9.18 -0.86
N ARG B 92 -9.71 8.46 0.26
CA ARG B 92 -10.53 8.84 1.39
C ARG B 92 -9.85 9.89 2.27
N HIS B 93 -8.52 9.86 2.35
CA HIS B 93 -7.77 10.75 3.22
C HIS B 93 -6.59 11.34 2.46
N PRO B 94 -6.77 12.50 1.82
CA PRO B 94 -5.69 13.05 0.98
C PRO B 94 -4.40 13.30 1.73
N GLU B 95 -4.49 13.56 3.04
CA GLU B 95 -3.30 13.78 3.85
C GLU B 95 -2.39 12.56 3.88
N THR B 96 -2.91 11.38 3.54
CA THR B 96 -2.06 10.18 3.44
C THR B 96 -0.86 10.45 2.55
N LEU B 97 -1.04 11.26 1.52
CA LEU B 97 0.06 11.58 0.63
C LEU B 97 1.20 12.23 1.39
N SER B 98 0.89 13.26 2.19
CA SER B 98 1.92 13.87 3.01
C SER B 98 2.54 12.87 3.98
N HIS B 99 1.73 11.97 4.54
CA HIS B 99 2.27 11.02 5.52
C HIS B 99 3.30 10.09 4.87
N ILE B 100 3.08 9.72 3.61
CA ILE B 100 4.08 8.94 2.90
C ILE B 100 5.42 9.66 2.80
N ALA B 101 5.39 10.99 2.67
CA ALA B 101 6.64 11.74 2.52
C ALA B 101 7.45 11.72 3.80
N GLU B 102 6.78 11.70 4.96
CA GLU B 102 7.47 11.59 6.24
C GLU B 102 8.28 10.31 6.37
N LEU B 103 8.04 9.31 5.52
CA LEU B 103 8.67 8.00 5.69
C LEU B 103 10.15 8.04 5.30
#